data_5X57
#
_entry.id   5X57
#
_cell.length_a   74.040
_cell.length_b   45.990
_cell.length_c   25.620
_cell.angle_alpha   90.00
_cell.angle_beta   90.00
_cell.angle_gamma   90.00
#
_symmetry.space_group_name_H-M   'P 21 21 2'
#
loop_
_entity.id
_entity.type
_entity.pdbx_description
1 polymer 'Microtubule-actin cross-linking factor 1, isoforms 1/2/3/5'
2 non-polymer 'NICKEL (II) ION'
3 water water
#
_entity_poly.entity_id   1
_entity_poly.type   'polypeptide(L)'
_entity_poly.pdbx_seq_one_letter_code
;YRPTTDADKIEDEVTRQVAQCKCAKRFQVEQIGENKYRFGDSQQLRLVRILRSTVMVRVGGGWMALDEFLVKNDPCRARG
R
;
_entity_poly.pdbx_strand_id   A
#
loop_
_chem_comp.id
_chem_comp.type
_chem_comp.name
_chem_comp.formula
NI non-polymer 'NICKEL (II) ION' 'Ni 2'
#
# COMPACT_ATOMS: atom_id res chain seq x y z
N TYR A 1 5.29 -6.92 -20.53
CA TYR A 1 5.59 -6.26 -19.28
C TYR A 1 6.69 -6.98 -18.53
N ARG A 2 7.68 -6.22 -18.09
CA ARG A 2 8.79 -6.71 -17.28
C ARG A 2 8.93 -5.74 -16.11
N PRO A 3 8.72 -6.15 -14.87
CA PRO A 3 8.93 -5.18 -13.76
C PRO A 3 10.40 -4.79 -13.73
N THR A 4 10.69 -3.50 -13.81
CA THR A 4 12.09 -3.10 -13.81
C THR A 4 12.30 -1.96 -12.83
N THR A 5 11.52 -0.87 -12.94
CA THR A 5 11.78 0.29 -12.11
C THR A 5 11.24 0.11 -10.69
N ASP A 6 11.73 0.94 -9.75
CA ASP A 6 11.17 0.85 -8.41
C ASP A 6 9.68 1.16 -8.42
N ALA A 7 9.28 2.15 -9.17
CA ALA A 7 7.86 2.47 -9.25
C ALA A 7 7.06 1.27 -9.70
N ASP A 8 7.54 0.54 -10.70
CA ASP A 8 6.84 -0.67 -11.16
C ASP A 8 6.76 -1.74 -10.09
N LYS A 9 7.86 -1.96 -9.38
CA LYS A 9 7.86 -2.99 -8.35
C LYS A 9 6.95 -2.63 -7.21
N ILE A 10 7.00 -1.38 -6.81
CA ILE A 10 6.09 -0.92 -5.74
C ILE A 10 4.64 -1.11 -6.16
N GLU A 11 4.30 -0.70 -7.37
CA GLU A 11 2.91 -0.75 -7.77
C GLU A 11 2.43 -2.21 -7.85
N ASP A 12 3.28 -3.11 -8.32
N ASP A 12 3.29 -3.12 -8.31
CA ASP A 12 2.91 -4.52 -8.39
CA ASP A 12 2.93 -4.54 -8.40
C ASP A 12 2.67 -5.09 -7.00
C ASP A 12 2.69 -5.12 -7.01
N GLU A 13 3.54 -4.76 -6.05
CA GLU A 13 3.42 -5.29 -4.68
C GLU A 13 2.23 -4.66 -3.93
N VAL A 14 2.01 -3.35 -4.11
CA VAL A 14 0.78 -2.77 -3.58
C VAL A 14 -0.45 -3.50 -4.15
N THR A 15 -0.43 -3.76 -5.48
CA THR A 15 -1.55 -4.46 -6.07
C THR A 15 -1.73 -5.85 -5.42
N ARG A 16 -0.63 -6.59 -5.28
CA ARG A 16 -0.75 -7.95 -4.76
C ARG A 16 -1.35 -7.94 -3.37
N GLN A 17 -0.89 -7.04 -2.48
CA GLN A 17 -1.35 -7.05 -1.12
C GLN A 17 -2.78 -6.48 -1.01
N VAL A 18 -3.10 -5.39 -1.75
CA VAL A 18 -4.44 -4.79 -1.70
C VAL A 18 -5.48 -5.80 -2.22
N ALA A 19 -5.11 -6.63 -3.18
CA ALA A 19 -6.01 -7.63 -3.74
C ALA A 19 -6.47 -8.65 -2.70
N GLN A 20 -5.80 -8.75 -1.56
CA GLN A 20 -6.21 -9.67 -0.52
C GLN A 20 -7.38 -9.15 0.29
N CYS A 21 -7.85 -7.92 0.06
CA CYS A 21 -9.01 -7.38 0.78
C CYS A 21 -10.26 -8.22 0.47
N LYS A 22 -11.05 -8.45 1.54
CA LYS A 22 -12.29 -9.20 1.51
C LYS A 22 -13.51 -8.33 1.82
N CYS A 23 -13.30 -7.01 1.97
CA CYS A 23 -14.40 -6.11 2.30
C CYS A 23 -15.48 -6.10 1.21
N ALA A 24 -16.70 -5.79 1.61
CA ALA A 24 -17.77 -5.60 0.63
C ALA A 24 -17.48 -4.41 -0.26
N LYS A 25 -17.02 -3.32 0.32
CA LYS A 25 -16.56 -2.15 -0.40
C LYS A 25 -15.06 -2.22 -0.30
N ARG A 26 -14.42 -2.62 -1.38
N ARG A 26 -14.41 -2.56 -1.39
CA ARG A 26 -13.00 -2.96 -1.32
CA ARG A 26 -13.00 -2.92 -1.31
C ARG A 26 -12.15 -1.75 -0.92
C ARG A 26 -12.11 -1.74 -0.96
N PHE A 27 -11.05 -2.03 -0.22
CA PHE A 27 -10.14 -0.99 0.22
C PHE A 27 -9.38 -0.46 -0.99
N GLN A 28 -9.65 0.76 -1.32
CA GLN A 28 -9.21 1.27 -2.62
C GLN A 28 -7.83 1.89 -2.47
N VAL A 29 -6.95 1.64 -3.41
CA VAL A 29 -5.63 2.21 -3.36
C VAL A 29 -5.28 2.65 -4.77
N GLU A 30 -4.82 3.89 -4.90
CA GLU A 30 -4.51 4.45 -6.19
C GLU A 30 -3.13 5.08 -6.18
N GLN A 31 -2.38 4.78 -7.24
CA GLN A 31 -1.09 5.37 -7.49
C GLN A 31 -1.25 6.77 -8.06
N ILE A 32 -0.67 7.76 -7.40
CA ILE A 32 -0.77 9.18 -7.71
C ILE A 32 0.69 9.60 -7.91
N GLY A 33 1.22 9.33 -9.07
CA GLY A 33 2.67 9.46 -9.27
C GLY A 33 3.41 8.19 -8.85
N GLU A 34 4.67 8.19 -9.28
CA GLU A 34 5.52 7.04 -9.10
C GLU A 34 5.74 6.70 -7.64
N ASN A 35 5.67 7.68 -6.73
CA ASN A 35 5.96 7.45 -5.30
C ASN A 35 4.89 7.93 -4.32
N LYS A 36 3.70 8.33 -4.71
CA LYS A 36 2.64 8.64 -3.72
C LYS A 36 1.39 7.85 -4.03
N TYR A 37 0.71 7.45 -3.00
CA TYR A 37 -0.49 6.64 -3.07
C TYR A 37 -1.54 7.27 -2.18
N ARG A 38 -2.79 7.02 -2.58
CA ARG A 38 -3.97 7.29 -1.77
C ARG A 38 -4.55 5.96 -1.35
N PHE A 39 -4.85 5.81 -0.07
CA PHE A 39 -5.31 4.54 0.51
C PHE A 39 -6.68 4.68 1.15
N GLY A 40 -7.59 3.77 0.80
CA GLY A 40 -8.88 3.66 1.52
C GLY A 40 -9.71 4.92 1.43
N ASP A 41 -10.42 5.28 2.51
CA ASP A 41 -11.32 6.43 2.47
C ASP A 41 -10.57 7.72 2.73
N SER A 42 -9.31 7.63 3.05
CA SER A 42 -8.58 8.86 3.34
C SER A 42 -8.08 9.47 2.05
N GLN A 43 -8.25 10.78 1.92
CA GLN A 43 -7.76 11.50 0.77
C GLN A 43 -6.29 11.82 0.92
N GLN A 44 -5.71 11.57 2.09
CA GLN A 44 -4.32 11.92 2.34
C GLN A 44 -3.38 11.15 1.39
N LEU A 45 -2.46 11.85 0.74
CA LEU A 45 -1.43 11.18 -0.04
C LEU A 45 -0.28 10.76 0.87
N ARG A 46 0.27 9.57 0.63
CA ARG A 46 1.41 9.09 1.37
C ARG A 46 2.52 8.68 0.41
N LEU A 47 3.74 9.06 0.76
CA LEU A 47 4.92 8.52 0.10
C LEU A 47 5.00 7.00 0.33
N VAL A 48 5.53 6.31 -0.67
CA VAL A 48 5.74 4.86 -0.63
C VAL A 48 7.09 4.53 -1.25
N ARG A 49 7.88 3.77 -0.57
CA ARG A 49 9.23 3.47 -1.05
C ARG A 49 9.47 1.97 -0.96
N ILE A 50 10.52 1.49 -1.62
CA ILE A 50 10.93 0.07 -1.52
C ILE A 50 12.34 0.02 -0.98
N LEU A 51 12.56 -0.82 0.02
CA LEU A 51 13.85 -0.93 0.70
C LEU A 51 14.16 -2.40 0.93
N ARG A 52 15.24 -2.88 0.30
CA ARG A 52 15.56 -4.32 0.36
C ARG A 52 14.32 -5.19 0.06
N SER A 53 13.61 -4.81 -0.97
CA SER A 53 12.49 -5.53 -1.53
C SER A 53 11.20 -5.41 -0.70
N THR A 54 11.22 -4.70 0.44
CA THR A 54 10.01 -4.43 1.23
C THR A 54 9.43 -3.06 0.92
N VAL A 55 8.16 -3.04 0.62
CA VAL A 55 7.42 -1.81 0.39
C VAL A 55 7.02 -1.19 1.70
N MET A 56 7.20 0.14 1.80
N MET A 56 7.30 0.12 1.87
CA MET A 56 7.06 0.91 3.04
CA MET A 56 6.98 0.84 3.11
C MET A 56 6.17 2.11 2.74
C MET A 56 6.21 2.11 2.79
N VAL A 57 5.28 2.45 3.68
CA VAL A 57 4.34 3.56 3.55
C VAL A 57 4.69 4.62 4.58
N ARG A 58 4.71 5.85 4.17
CA ARG A 58 5.05 6.93 5.11
C ARG A 58 3.88 7.18 6.07
N VAL A 59 4.17 7.08 7.37
CA VAL A 59 3.16 7.26 8.43
C VAL A 59 3.77 8.06 9.55
N GLY A 60 3.20 9.22 9.82
CA GLY A 60 3.52 10.04 10.95
C GLY A 60 4.99 10.01 11.24
N GLY A 61 5.76 10.56 10.35
CA GLY A 61 7.17 10.80 10.74
C GLY A 61 8.10 9.61 10.58
N GLY A 62 7.65 8.51 10.04
CA GLY A 62 8.48 7.36 9.81
C GLY A 62 7.88 6.49 8.70
N TRP A 63 8.42 5.29 8.58
CA TRP A 63 8.03 4.32 7.58
C TRP A 63 7.44 3.08 8.20
N MET A 64 6.38 2.53 7.60
CA MET A 64 5.73 1.37 8.10
C MET A 64 5.60 0.38 6.95
N ALA A 65 5.94 -0.87 7.21
CA ALA A 65 5.85 -1.86 6.15
C ALA A 65 4.40 -1.90 5.64
N LEU A 66 4.25 -2.18 4.34
CA LEU A 66 2.93 -2.14 3.70
C LEU A 66 1.98 -3.10 4.41
N ASP A 67 2.41 -4.33 4.73
CA ASP A 67 1.49 -5.28 5.34
C ASP A 67 0.95 -4.78 6.65
N GLU A 68 1.80 -4.16 7.46
CA GLU A 68 1.34 -3.62 8.74
C GLU A 68 0.40 -2.45 8.52
N PHE A 69 0.72 -1.56 7.55
CA PHE A 69 -0.18 -0.47 7.22
C PHE A 69 -1.57 -0.99 6.85
N LEU A 70 -1.62 -2.04 6.04
CA LEU A 70 -2.92 -2.59 5.65
C LEU A 70 -3.63 -3.26 6.84
N VAL A 71 -2.89 -3.95 7.70
CA VAL A 71 -3.51 -4.48 8.91
C VAL A 71 -4.14 -3.36 9.74
N LYS A 72 -3.47 -2.23 9.81
CA LYS A 72 -3.95 -1.12 10.61
C LYS A 72 -5.09 -0.34 9.96
N ASN A 73 -5.29 -0.45 8.67
CA ASN A 73 -6.20 0.42 7.97
C ASN A 73 -7.31 -0.26 7.16
N ASP A 74 -7.05 -1.42 6.66
CA ASP A 74 -8.06 -2.13 5.83
C ASP A 74 -8.99 -2.89 6.81
N PRO A 75 -10.28 -2.56 6.86
CA PRO A 75 -11.17 -3.10 7.90
C PRO A 75 -11.20 -4.61 8.01
N CYS A 76 -11.04 -5.33 6.91
CA CYS A 76 -11.15 -6.78 6.90
C CYS A 76 -9.92 -7.45 7.50
N ARG A 77 -8.87 -6.69 7.83
CA ARG A 77 -7.62 -7.20 8.37
C ARG A 77 -7.44 -6.86 9.87
N ALA A 78 -8.49 -6.30 10.49
CA ALA A 78 -8.36 -5.83 11.87
C ALA A 78 -7.99 -6.91 12.86
N ARG A 79 -8.37 -8.15 12.61
CA ARG A 79 -8.07 -9.32 13.48
C ARG A 79 -6.58 -9.61 13.57
N GLY A 80 -5.83 -9.06 12.64
CA GLY A 80 -4.38 -9.09 12.84
C GLY A 80 -3.80 -7.96 13.69
N ARG A 81 -4.62 -7.07 14.23
CA ARG A 81 -4.09 -5.91 14.91
C ARG A 81 -3.66 -6.20 16.36
NI NI B . -10.64 -5.10 3.21
#